data_8CNM
#
_entry.id   8CNM
#
_cell.length_a   91.359
_cell.length_b   91.359
_cell.length_c   142.962
_cell.angle_alpha   90.00
_cell.angle_beta   90.00
_cell.angle_gamma   120.00
#
_symmetry.space_group_name_H-M   'P 63'
#
loop_
_entity.id
_entity.type
_entity.pdbx_description
1 polymer 'NAD-dependent protein deacetylase sirtuin-6'
2 non-polymer '[(2R,3S,4R,5R)-5-(6-AMINOPURIN-9-YL)-3,4-DIHYDROXY-OXOLAN-2-YL]METHYL [HYDROXY-[[(2R,3S,4R,5S)-3,4,5-TRIHYDROXYOXOLAN-2-YL]METHOXY]PHOSPHORYL] HYDROGEN PHOSPHATE'
3 non-polymer 'ZINC ION'
4 non-polymer 1,2-ETHANEDIOL
5 non-polymer DI(HYDROXYETHYL)ETHER
6 non-polymer 'SULFATE ION'
7 non-polymer 4-azanyl-~{N}-(4-oxidanylcyclohexyl)benzenesulfonamide
8 non-polymer 'CHLORIDE ION'
9 water water
#
_entity_poly.entity_id   1
_entity_poly.type   'polypeptide(L)'
_entity_poly.pdbx_seq_one_letter_code
;GIDPFTADKGKCGLPEIFDPPEELERKVWELARLVWQSSSVVFHTGAGISTASGIPDFRGPHGVWTMEERGLAPKFDTTF
ESARPTQTHMALVQLERVGLLRFLVSQNVDGLHVRSGFPRDKLAELHGNMFVEECAKCKTQYVRDTVVGTMGLKATGRLC
TVAKARGLRACRGELRDTILDWEDSLPDRDLALADEASRNADLSITLGTSLQIRPSGNLPLATKRRGGRLVIVNLQPTKH
DRHADLRIHGYVDEVMTRLMKHLGLEIPAWDGPRVLERALPPLPRPPTPKLEPKEESPTRIN
;
_entity_poly.pdbx_strand_id   A,B
#
loop_
_chem_comp.id
_chem_comp.type
_chem_comp.name
_chem_comp.formula
AR6 non-polymer '[(2R,3S,4R,5R)-5-(6-AMINOPURIN-9-YL)-3,4-DIHYDROXY-OXOLAN-2-YL]METHYL [HYDROXY-[[(2R,3S,4R,5S)-3,4,5-TRIHYDROXYOXOLAN-2-YL]METHOXY]PHOSPHORYL] HYDROGEN PHOSPHATE' 'C15 H23 N5 O14 P2'
CL non-polymer 'CHLORIDE ION' 'Cl -1'
EDO non-polymer 1,2-ETHANEDIOL 'C2 H6 O2'
PEG non-polymer DI(HYDROXYETHYL)ETHER 'C4 H10 O3'
SO4 non-polymer 'SULFATE ION' 'O4 S -2'
V7R non-polymer 4-azanyl-~{N}-(4-oxidanylcyclohexyl)benzenesulfonamide 'C12 H18 N2 O3 S'
ZN non-polymer 'ZINC ION' 'Zn 2'
#
# COMPACT_ATOMS: atom_id res chain seq x y z
N PRO A 4 13.46 -24.60 -13.29
CA PRO A 4 12.47 -23.54 -13.45
C PRO A 4 11.07 -24.09 -13.72
N PHE A 5 11.00 -25.23 -14.42
CA PHE A 5 9.73 -25.78 -14.94
C PHE A 5 8.99 -26.51 -13.83
N THR A 6 9.61 -27.56 -13.29
CA THR A 6 8.93 -28.40 -12.29
C THR A 6 9.49 -28.14 -10.88
N ALA A 7 10.04 -26.94 -10.64
CA ALA A 7 10.51 -26.60 -9.28
C ALA A 7 9.35 -26.79 -8.29
N ASP A 8 9.61 -27.43 -7.14
CA ASP A 8 8.57 -27.67 -6.10
C ASP A 8 8.15 -26.33 -5.48
N LYS A 9 6.95 -25.89 -5.77
CA LYS A 9 6.41 -24.58 -5.34
C LYS A 9 5.54 -24.77 -4.09
N GLY A 10 5.47 -26.00 -3.57
CA GLY A 10 4.85 -26.29 -2.26
C GLY A 10 3.35 -26.17 -2.32
N LYS A 11 2.72 -25.93 -1.18
CA LYS A 11 1.25 -25.85 -1.01
C LYS A 11 0.81 -24.42 -1.30
N CYS A 12 -0.05 -24.25 -2.31
CA CYS A 12 -0.46 -22.93 -2.85
C CYS A 12 -1.98 -22.81 -2.75
N GLY A 13 -2.47 -21.63 -2.40
CA GLY A 13 -3.91 -21.30 -2.39
C GLY A 13 -4.66 -21.93 -1.21
N LEU A 14 -3.98 -22.24 -0.10
CA LEU A 14 -4.70 -22.74 1.10
C LEU A 14 -5.68 -21.67 1.58
N PRO A 15 -6.77 -22.11 2.26
CA PRO A 15 -7.80 -21.19 2.73
C PRO A 15 -7.21 -20.24 3.78
N GLU A 16 -7.73 -19.03 3.81
CA GLU A 16 -7.33 -17.99 4.77
C GLU A 16 -8.11 -18.25 6.06
N ILE A 17 -7.50 -17.94 7.19
CA ILE A 17 -8.13 -18.00 8.55
C ILE A 17 -8.21 -16.56 9.06
N PHE A 18 -9.33 -16.20 9.68
CA PHE A 18 -9.53 -14.90 10.37
C PHE A 18 -9.92 -15.16 11.83
N ASP A 19 -9.01 -14.85 12.75
CA ASP A 19 -9.34 -14.74 14.19
C ASP A 19 -10.50 -13.76 14.31
N PRO A 20 -11.58 -14.08 15.04
CA PRO A 20 -12.65 -13.11 15.29
C PRO A 20 -12.09 -11.97 16.15
N PRO A 21 -12.68 -10.75 16.06
CA PRO A 21 -12.12 -9.54 16.68
C PRO A 21 -11.67 -9.68 18.15
N GLU A 22 -12.46 -10.33 19.00
CA GLU A 22 -12.20 -10.42 20.46
C GLU A 22 -10.96 -11.28 20.65
N GLU A 23 -10.86 -12.38 19.89
CA GLU A 23 -9.73 -13.33 19.94
C GLU A 23 -8.48 -12.65 19.37
N LEU A 24 -8.67 -11.81 18.36
CA LEU A 24 -7.56 -11.09 17.70
C LEU A 24 -6.98 -10.06 18.69
N GLU A 25 -7.82 -9.31 19.40
CA GLU A 25 -7.34 -8.27 20.36
C GLU A 25 -6.60 -8.98 21.50
N ARG A 26 -7.12 -10.12 21.97
CA ARG A 26 -6.48 -10.91 23.06
C ARG A 26 -5.08 -11.38 22.61
N LYS A 27 -4.95 -11.90 21.40
CA LYS A 27 -3.63 -12.47 20.96
C LYS A 27 -2.60 -11.35 20.77
N VAL A 28 -3.00 -10.15 20.34
CA VAL A 28 -2.06 -9.02 20.09
C VAL A 28 -1.54 -8.52 21.44
N TRP A 29 -2.40 -8.44 22.47
CA TRP A 29 -1.96 -8.11 23.85
C TRP A 29 -0.92 -9.14 24.33
N GLU A 30 -1.17 -10.42 24.09
CA GLU A 30 -0.28 -11.53 24.48
C GLU A 30 1.06 -11.40 23.73
N LEU A 31 1.03 -11.00 22.47
CA LEU A 31 2.24 -10.71 21.67
C LEU A 31 2.99 -9.53 22.29
N ALA A 32 2.32 -8.46 22.68
CA ALA A 32 2.95 -7.33 23.44
C ALA A 32 3.62 -7.84 24.72
N ARG A 33 2.90 -8.68 25.50
CA ARG A 33 3.41 -9.31 26.75
C ARG A 33 4.73 -10.05 26.44
N LEU A 34 4.78 -10.80 25.34
CA LEU A 34 6.00 -11.55 24.93
C LEU A 34 7.12 -10.58 24.51
N VAL A 35 6.81 -9.49 23.81
CA VAL A 35 7.87 -8.54 23.37
C VAL A 35 8.46 -7.87 24.62
N TRP A 36 7.61 -7.47 25.57
CA TRP A 36 8.03 -6.81 26.84
C TRP A 36 8.95 -7.76 27.62
N GLN A 37 8.64 -9.06 27.65
CA GLN A 37 9.37 -10.07 28.46
C GLN A 37 10.68 -10.52 27.82
N SER A 38 10.88 -10.26 26.52
CA SER A 38 11.96 -10.86 25.73
C SER A 38 13.22 -9.99 25.72
N SER A 39 14.38 -10.61 25.94
CA SER A 39 15.71 -9.95 25.84
C SER A 39 16.10 -9.79 24.37
N SER A 40 15.85 -10.80 23.54
CA SER A 40 16.37 -10.85 22.15
C SER A 40 15.26 -11.29 21.19
N VAL A 41 14.66 -10.32 20.49
CA VAL A 41 13.50 -10.53 19.57
C VAL A 41 14.01 -10.49 18.12
N VAL A 42 13.66 -11.50 17.33
CA VAL A 42 14.04 -11.65 15.91
C VAL A 42 12.75 -11.80 15.13
N PHE A 43 12.60 -10.96 14.12
CA PHE A 43 11.47 -11.01 13.17
C PHE A 43 11.92 -11.71 11.88
N HIS A 44 11.00 -12.51 11.35
CA HIS A 44 11.15 -13.28 10.10
C HIS A 44 10.06 -12.80 9.15
N THR A 45 10.43 -12.13 8.05
CA THR A 45 9.43 -11.63 7.05
C THR A 45 9.48 -12.36 5.68
N GLY A 46 8.33 -12.39 5.02
CA GLY A 46 8.06 -13.04 3.73
C GLY A 46 7.07 -12.14 3.02
N ALA A 47 6.48 -12.60 1.93
CA ALA A 47 5.86 -11.72 0.88
C ALA A 47 4.52 -11.13 1.33
N GLY A 48 3.89 -11.70 2.36
CA GLY A 48 2.64 -11.17 2.95
C GLY A 48 2.80 -9.82 3.61
N ILE A 49 4.01 -9.39 3.99
CA ILE A 49 4.22 -7.99 4.50
C ILE A 49 4.20 -6.92 3.38
N SER A 50 4.10 -7.28 2.10
CA SER A 50 4.20 -6.32 0.98
C SER A 50 2.92 -6.33 0.14
N THR A 51 1.95 -7.18 0.51
CA THR A 51 0.74 -7.36 -0.30
C THR A 51 -0.11 -6.08 -0.20
N ALA A 52 -0.06 -5.38 0.93
CA ALA A 52 -0.84 -4.13 1.13
C ALA A 52 -0.18 -2.93 0.46
N SER A 53 1.01 -3.07 -0.14
CA SER A 53 1.67 -2.05 -1.03
C SER A 53 1.54 -2.44 -2.51
N GLY A 54 0.74 -3.49 -2.80
CA GLY A 54 0.30 -3.92 -4.13
C GLY A 54 1.22 -4.93 -4.79
N ILE A 55 2.10 -5.58 -4.02
CA ILE A 55 3.03 -6.60 -4.56
C ILE A 55 2.48 -7.95 -4.13
N PRO A 56 2.08 -8.81 -5.10
CA PRO A 56 1.40 -10.04 -4.78
C PRO A 56 2.39 -11.01 -4.11
N ASP A 57 1.89 -11.82 -3.17
CA ASP A 57 2.70 -12.92 -2.54
C ASP A 57 2.84 -14.08 -3.54
N PHE A 58 3.40 -15.19 -3.08
CA PHE A 58 3.65 -16.41 -3.88
C PHE A 58 2.51 -17.45 -3.75
N ARG A 59 1.97 -17.73 -2.56
CA ARG A 59 1.14 -18.92 -2.29
C ARG A 59 -0.18 -18.52 -1.65
N GLY A 60 -0.50 -17.23 -1.65
CA GLY A 60 -1.82 -16.72 -1.22
C GLY A 60 -2.91 -16.94 -2.27
N PRO A 61 -4.18 -16.63 -1.96
CA PRO A 61 -5.27 -16.96 -2.89
C PRO A 61 -4.93 -16.44 -4.30
N HIS A 62 -4.35 -15.25 -4.41
CA HIS A 62 -3.90 -14.62 -5.68
C HIS A 62 -2.37 -14.57 -5.76
N GLY A 63 -1.67 -15.49 -5.11
CA GLY A 63 -0.20 -15.58 -5.22
C GLY A 63 0.29 -15.89 -6.63
N VAL A 64 1.55 -15.54 -6.92
CA VAL A 64 2.28 -15.78 -8.20
C VAL A 64 2.18 -17.27 -8.56
N TRP A 65 2.64 -18.17 -7.67
CA TRP A 65 2.58 -19.65 -7.91
C TRP A 65 1.13 -20.16 -7.89
N THR A 66 0.27 -19.67 -6.99
CA THR A 66 -1.17 -20.05 -6.92
C THR A 66 -1.87 -19.80 -8.25
N MET A 67 -1.75 -18.57 -8.74
CA MET A 67 -2.32 -18.11 -10.03
C MET A 67 -1.70 -18.94 -11.17
N GLU A 68 -0.37 -19.13 -11.21
CA GLU A 68 0.31 -20.02 -12.20
C GLU A 68 -0.39 -21.40 -12.26
N GLU A 69 -0.69 -22.01 -11.11
CA GLU A 69 -1.30 -23.36 -11.00
C GLU A 69 -2.70 -23.39 -11.61
N ARG A 70 -3.44 -22.27 -11.55
CA ARG A 70 -4.83 -22.21 -12.06
C ARG A 70 -4.83 -21.64 -13.48
N GLY A 71 -3.66 -21.45 -14.09
CA GLY A 71 -3.51 -20.87 -15.45
C GLY A 71 -3.83 -19.38 -15.49
N LEU A 72 -3.76 -18.67 -14.37
CA LEU A 72 -4.05 -17.21 -14.34
C LEU A 72 -2.72 -16.48 -14.09
N ALA A 73 -2.75 -15.16 -14.03
CA ALA A 73 -1.53 -14.33 -13.86
C ALA A 73 -1.68 -13.56 -12.56
N PRO A 74 -0.60 -13.38 -11.78
CA PRO A 74 -0.68 -12.54 -10.60
C PRO A 74 -0.88 -11.10 -11.10
N LYS A 75 -1.29 -10.19 -10.21
CA LYS A 75 -1.53 -8.78 -10.56
C LYS A 75 -0.73 -7.89 -9.60
N PHE A 76 0.09 -7.02 -10.19
CA PHE A 76 0.85 -5.94 -9.50
C PHE A 76 0.06 -4.63 -9.62
N ASP A 77 -0.17 -3.95 -8.50
CA ASP A 77 -0.84 -2.63 -8.41
C ASP A 77 0.21 -1.54 -8.33
N THR A 78 1.50 -1.92 -8.27
CA THR A 78 2.65 -1.00 -8.29
C THR A 78 3.81 -1.60 -9.08
N THR A 79 4.78 -0.75 -9.44
CA THR A 79 6.11 -1.23 -9.86
C THR A 79 6.93 -1.45 -8.60
N PHE A 80 8.05 -2.17 -8.72
CA PHE A 80 8.95 -2.33 -7.56
C PHE A 80 9.45 -0.95 -7.10
N GLU A 81 9.75 -0.08 -8.07
CA GLU A 81 10.36 1.26 -7.88
C GLU A 81 9.35 2.18 -7.21
N SER A 82 8.07 2.07 -7.55
CA SER A 82 7.01 2.96 -7.00
C SER A 82 6.39 2.41 -5.71
N ALA A 83 6.73 1.19 -5.29
CA ALA A 83 6.17 0.53 -4.09
C ALA A 83 6.56 1.34 -2.85
N ARG A 84 5.62 1.57 -1.94
CA ARG A 84 5.92 2.18 -0.63
C ARG A 84 5.97 1.09 0.44
N PRO A 85 6.90 1.24 1.41
CA PRO A 85 6.90 0.40 2.60
C PRO A 85 5.52 0.49 3.28
N THR A 86 5.01 -0.65 3.74
CA THR A 86 3.74 -0.76 4.48
C THR A 86 3.94 -0.27 5.92
N GLN A 87 2.84 -0.09 6.62
CA GLN A 87 2.76 0.16 8.10
C GLN A 87 3.64 -0.89 8.80
N THR A 88 3.59 -2.11 8.33
CA THR A 88 4.37 -3.23 8.92
C THR A 88 5.83 -2.92 8.74
N HIS A 89 6.25 -2.57 7.51
CA HIS A 89 7.65 -2.17 7.19
C HIS A 89 8.12 -1.09 8.17
N MET A 90 7.33 -0.02 8.31
CA MET A 90 7.74 1.16 9.09
C MET A 90 7.73 0.83 10.60
N ALA A 91 6.84 -0.04 11.10
CA ALA A 91 6.80 -0.44 12.52
C ALA A 91 8.11 -1.17 12.83
N LEU A 92 8.64 -1.91 11.85
CA LEU A 92 9.86 -2.74 12.06
C LEU A 92 11.08 -1.81 12.14
N VAL A 93 11.03 -0.70 11.41
CA VAL A 93 12.08 0.37 11.46
C VAL A 93 12.12 0.88 12.91
N GLN A 94 10.96 1.28 13.43
CA GLN A 94 10.83 1.86 14.76
C GLN A 94 11.26 0.86 15.84
N LEU A 95 10.93 -0.42 15.66
CA LEU A 95 11.13 -1.45 16.71
C LEU A 95 12.65 -1.67 16.80
N GLU A 96 13.31 -1.61 15.68
CA GLU A 96 14.81 -1.66 15.69
C GLU A 96 15.34 -0.40 16.40
N ARG A 97 14.80 0.80 16.12
CA ARG A 97 15.44 2.06 16.57
C ARG A 97 15.34 2.13 18.10
N VAL A 98 14.31 1.57 18.72
CA VAL A 98 14.09 1.70 20.19
C VAL A 98 14.64 0.48 20.92
N GLY A 99 15.29 -0.44 20.20
CA GLY A 99 16.06 -1.57 20.75
C GLY A 99 15.23 -2.84 20.97
N LEU A 100 13.98 -2.92 20.50
CA LEU A 100 13.09 -4.08 20.77
C LEU A 100 13.20 -5.17 19.69
N LEU A 101 13.81 -4.86 18.56
CA LEU A 101 14.15 -5.84 17.51
C LEU A 101 15.66 -6.02 17.49
N ARG A 102 16.14 -7.24 17.70
CA ARG A 102 17.61 -7.56 17.62
C ARG A 102 18.03 -7.71 16.15
N PHE A 103 17.27 -8.44 15.35
CA PHE A 103 17.61 -8.77 13.95
C PHE A 103 16.36 -9.08 13.13
N LEU A 104 16.49 -8.88 11.81
CA LEU A 104 15.42 -9.01 10.80
C LEU A 104 15.84 -9.97 9.68
N VAL A 105 15.17 -11.11 9.63
CA VAL A 105 15.35 -12.12 8.55
C VAL A 105 14.16 -12.07 7.60
N SER A 106 14.46 -11.76 6.33
CA SER A 106 13.52 -11.63 5.19
C SER A 106 13.93 -12.49 4.00
N GLN A 107 12.93 -13.20 3.51
CA GLN A 107 12.90 -13.94 2.25
C GLN A 107 12.53 -13.02 1.09
N ASN A 108 12.22 -11.74 1.34
CA ASN A 108 11.63 -10.83 0.33
C ASN A 108 12.76 -10.26 -0.55
N VAL A 109 12.50 -10.22 -1.86
CA VAL A 109 13.46 -9.70 -2.87
C VAL A 109 13.00 -8.30 -3.29
N ASP A 110 11.86 -7.87 -2.77
CA ASP A 110 11.19 -6.59 -3.20
C ASP A 110 11.97 -5.33 -2.76
N GLY A 111 13.07 -5.42 -1.99
CA GLY A 111 13.91 -4.26 -1.64
C GLY A 111 13.31 -3.27 -0.64
N LEU A 112 12.09 -3.48 -0.12
CA LEU A 112 11.39 -2.48 0.72
C LEU A 112 12.04 -2.35 2.10
N HIS A 113 12.59 -3.41 2.70
CA HIS A 113 13.21 -3.26 4.04
C HIS A 113 14.32 -2.20 3.90
N VAL A 114 15.19 -2.33 2.89
CA VAL A 114 16.38 -1.44 2.68
C VAL A 114 15.84 -0.02 2.41
N ARG A 115 14.92 0.11 1.46
CA ARG A 115 14.35 1.42 1.07
C ARG A 115 13.57 2.09 2.21
N SER A 116 13.04 1.32 3.16
CA SER A 116 12.34 1.84 4.37
C SER A 116 13.33 2.53 5.33
N GLY A 117 14.64 2.31 5.16
CA GLY A 117 15.68 2.91 6.01
C GLY A 117 16.12 1.93 7.06
N PHE A 118 15.78 0.65 6.90
CA PHE A 118 16.08 -0.35 7.95
C PHE A 118 17.58 -0.64 7.83
N PRO A 119 18.36 -0.66 8.92
CA PRO A 119 19.80 -0.81 8.80
C PRO A 119 20.20 -2.21 8.34
N ARG A 120 20.99 -2.23 7.27
CA ARG A 120 21.47 -3.43 6.52
C ARG A 120 22.27 -4.36 7.44
N ASP A 121 22.99 -3.80 8.42
CA ASP A 121 23.78 -4.64 9.35
C ASP A 121 22.86 -5.34 10.36
N LYS A 122 21.55 -5.05 10.40
CA LYS A 122 20.61 -5.87 11.24
C LYS A 122 19.64 -6.65 10.35
N LEU A 123 19.94 -6.73 9.05
CA LEU A 123 19.06 -7.34 8.03
C LEU A 123 19.79 -8.47 7.29
N ALA A 124 19.18 -9.67 7.21
CA ALA A 124 19.57 -10.77 6.29
C ALA A 124 18.53 -10.86 5.17
N GLU A 125 18.97 -10.68 3.91
CA GLU A 125 18.13 -10.81 2.71
C GLU A 125 18.46 -12.14 2.03
N LEU A 126 17.84 -13.20 2.56
CA LEU A 126 18.23 -14.61 2.27
C LEU A 126 18.07 -14.94 0.78
N HIS A 127 17.09 -14.33 0.09
CA HIS A 127 16.73 -14.65 -1.32
C HIS A 127 17.26 -13.56 -2.26
N GLY A 128 17.97 -12.57 -1.73
CA GLY A 128 18.56 -11.43 -2.46
C GLY A 128 17.58 -10.25 -2.52
N ASN A 129 17.93 -9.27 -3.31
CA ASN A 129 17.30 -7.92 -3.35
C ASN A 129 17.36 -7.46 -4.79
N MET A 130 16.19 -7.17 -5.36
CA MET A 130 16.00 -6.79 -6.78
C MET A 130 16.83 -5.55 -7.10
N PHE A 131 17.08 -4.66 -6.14
CA PHE A 131 17.79 -3.37 -6.34
C PHE A 131 19.28 -3.52 -6.04
N VAL A 132 19.74 -4.72 -5.77
CA VAL A 132 21.15 -4.91 -5.29
C VAL A 132 21.92 -5.76 -6.32
N GLU A 133 23.03 -5.20 -6.82
CA GLU A 133 24.04 -5.97 -7.59
C GLU A 133 25.32 -6.06 -6.77
N GLU A 134 26.10 -7.10 -7.05
CA GLU A 134 27.34 -7.47 -6.32
C GLU A 134 28.47 -7.76 -7.31
N CYS A 135 29.68 -7.30 -7.01
CA CYS A 135 30.86 -7.57 -7.86
C CYS A 135 31.34 -8.99 -7.61
N ALA A 136 31.54 -9.76 -8.68
CA ALA A 136 32.07 -11.13 -8.54
C ALA A 136 33.48 -11.11 -7.94
N LYS A 137 34.31 -10.15 -8.35
CA LYS A 137 35.72 -10.10 -7.89
C LYS A 137 35.90 -9.65 -6.43
N CYS A 138 35.30 -8.51 -6.04
CA CYS A 138 35.59 -7.95 -4.69
C CYS A 138 34.39 -8.08 -3.74
N LYS A 139 33.27 -8.61 -4.22
CA LYS A 139 32.06 -8.84 -3.38
C LYS A 139 31.42 -7.51 -2.97
N THR A 140 31.78 -6.41 -3.62
CA THR A 140 31.21 -5.13 -3.17
C THR A 140 29.78 -5.03 -3.73
N GLN A 141 28.85 -4.63 -2.89
CA GLN A 141 27.40 -4.53 -3.23
C GLN A 141 27.05 -3.08 -3.56
N TYR A 142 26.09 -2.91 -4.47
CA TYR A 142 25.60 -1.59 -4.91
C TYR A 142 24.10 -1.61 -4.72
N VAL A 143 23.57 -0.67 -3.94
CA VAL A 143 22.11 -0.50 -3.75
C VAL A 143 21.65 0.56 -4.73
N ARG A 144 20.91 0.14 -5.76
CA ARG A 144 20.52 1.00 -6.90
C ARG A 144 19.12 1.56 -6.63
N ASP A 145 18.79 2.67 -7.28
CA ASP A 145 17.45 3.33 -7.19
C ASP A 145 16.45 2.67 -8.15
N THR A 146 16.88 1.81 -9.07
CA THR A 146 15.97 1.05 -9.97
C THR A 146 16.29 -0.43 -9.84
N VAL A 147 15.37 -1.29 -10.30
CA VAL A 147 15.56 -2.77 -10.21
C VAL A 147 16.74 -3.09 -11.13
N VAL A 148 17.66 -3.93 -10.63
CA VAL A 148 18.76 -4.51 -11.41
C VAL A 148 18.09 -5.48 -12.41
N GLY A 149 18.38 -5.32 -13.69
CA GLY A 149 17.55 -5.87 -14.79
C GLY A 149 17.58 -7.38 -14.93
N THR A 150 18.40 -8.12 -14.16
CA THR A 150 18.56 -9.59 -14.35
C THR A 150 18.27 -10.34 -13.05
N MET A 151 18.05 -11.66 -13.15
CA MET A 151 17.85 -12.57 -12.00
C MET A 151 18.62 -13.86 -12.25
N GLY A 152 19.07 -14.51 -11.18
CA GLY A 152 19.76 -15.81 -11.25
C GLY A 152 21.26 -15.67 -11.09
N LEU A 153 21.72 -14.54 -10.54
CA LEU A 153 23.14 -14.19 -10.31
C LEU A 153 23.84 -13.99 -11.67
N LYS A 154 23.16 -13.32 -12.60
CA LYS A 154 23.67 -13.03 -13.97
C LYS A 154 24.41 -11.70 -14.01
N ALA A 155 25.29 -11.52 -15.01
CA ALA A 155 25.91 -10.24 -15.36
C ALA A 155 24.78 -9.24 -15.68
N THR A 156 24.85 -8.03 -15.11
CA THR A 156 23.86 -6.93 -15.31
C THR A 156 24.30 -6.07 -16.48
N GLY A 157 25.58 -6.15 -16.86
CA GLY A 157 26.19 -5.32 -17.91
C GLY A 157 27.05 -4.21 -17.32
N ARG A 158 26.93 -3.92 -16.02
CA ARG A 158 27.73 -2.84 -15.36
C ARG A 158 28.98 -3.45 -14.73
N LEU A 159 30.02 -2.62 -14.54
CA LEU A 159 31.31 -3.03 -13.92
C LEU A 159 31.47 -2.33 -12.57
N CYS A 160 32.32 -2.90 -11.70
CA CYS A 160 32.63 -2.34 -10.37
C CYS A 160 33.39 -1.01 -10.51
N THR A 161 33.16 -0.08 -9.60
CA THR A 161 33.75 1.28 -9.64
C THR A 161 34.64 1.50 -8.40
N VAL A 162 34.96 0.43 -7.66
CA VAL A 162 35.82 0.53 -6.44
C VAL A 162 37.27 0.77 -6.88
N ALA A 163 37.94 1.73 -6.22
CA ALA A 163 39.35 2.13 -6.41
C ALA A 163 40.27 0.90 -6.25
N CYS A 171 38.70 -1.76 -9.90
CA CYS A 171 38.37 -3.21 -9.87
C CYS A 171 37.77 -3.61 -11.21
N ARG A 172 36.82 -2.81 -11.70
CA ARG A 172 36.12 -3.10 -12.98
C ARG A 172 35.58 -4.54 -12.98
N GLY A 173 35.33 -5.12 -11.80
CA GLY A 173 34.72 -6.45 -11.68
C GLY A 173 33.34 -6.48 -12.30
N GLU A 174 32.91 -7.66 -12.75
CA GLU A 174 31.56 -7.92 -13.33
C GLU A 174 30.51 -7.82 -12.22
N LEU A 175 29.56 -6.87 -12.34
CA LEU A 175 28.42 -6.77 -11.40
C LEU A 175 27.39 -7.83 -11.79
N ARG A 176 26.87 -8.56 -10.79
CA ARG A 176 25.80 -9.57 -10.96
C ARG A 176 24.63 -9.27 -10.02
N ASP A 177 23.41 -9.64 -10.40
CA ASP A 177 22.21 -9.51 -9.54
C ASP A 177 22.40 -10.44 -8.33
N THR A 178 21.57 -10.29 -7.29
CA THR A 178 21.60 -11.12 -6.04
C THR A 178 20.36 -12.03 -5.95
N ILE A 179 19.58 -12.15 -7.02
CA ILE A 179 18.34 -12.98 -7.01
C ILE A 179 18.71 -14.45 -7.26
N LEU A 180 18.72 -15.26 -6.21
CA LEU A 180 18.93 -16.72 -6.24
C LEU A 180 17.97 -17.34 -7.27
N ASP A 181 18.44 -18.26 -8.10
CA ASP A 181 17.56 -19.24 -8.81
C ASP A 181 17.26 -20.39 -7.84
N TRP A 182 16.26 -21.23 -8.17
CA TRP A 182 15.73 -22.33 -7.32
C TRP A 182 16.85 -23.18 -6.71
N GLU A 183 17.94 -23.44 -7.45
CA GLU A 183 19.02 -24.38 -7.05
C GLU A 183 20.19 -23.68 -6.36
N ASP A 184 20.23 -22.34 -6.34
CA ASP A 184 21.36 -21.59 -5.73
C ASP A 184 21.27 -21.67 -4.21
N SER A 185 22.38 -21.98 -3.54
CA SER A 185 22.49 -21.94 -2.06
C SER A 185 22.46 -20.47 -1.60
N LEU A 186 22.04 -20.24 -0.35
CA LEU A 186 21.80 -18.89 0.23
C LEU A 186 23.13 -18.20 0.49
N PRO A 187 23.20 -16.85 0.38
CA PRO A 187 24.44 -16.12 0.65
C PRO A 187 24.93 -16.46 2.07
N ASP A 188 26.17 -16.96 2.17
CA ASP A 188 26.73 -17.57 3.41
C ASP A 188 26.69 -16.55 4.56
N ARG A 189 26.95 -15.27 4.29
CA ARG A 189 27.03 -14.20 5.33
C ARG A 189 25.63 -13.96 5.92
N ASP A 190 24.63 -13.74 5.07
CA ASP A 190 23.24 -13.46 5.51
C ASP A 190 22.71 -14.67 6.31
N LEU A 191 22.92 -15.89 5.81
CA LEU A 191 22.40 -17.12 6.44
C LEU A 191 23.11 -17.36 7.78
N ALA A 192 24.42 -17.16 7.82
CA ALA A 192 25.25 -17.30 9.05
C ALA A 192 24.70 -16.35 10.12
N LEU A 193 24.56 -15.06 9.81
CA LEU A 193 24.05 -14.05 10.77
C LEU A 193 22.59 -14.36 11.15
N ALA A 194 21.74 -14.77 10.20
CA ALA A 194 20.31 -15.12 10.41
C ALA A 194 20.21 -16.29 11.39
N ASP A 195 21.03 -17.32 11.16
CA ASP A 195 21.07 -18.55 11.99
C ASP A 195 21.47 -18.16 13.42
N GLU A 196 22.56 -17.40 13.58
CA GLU A 196 23.06 -16.98 14.92
C GLU A 196 21.96 -16.20 15.64
N ALA A 197 21.36 -15.21 14.97
CA ALA A 197 20.31 -14.34 15.57
C ALA A 197 19.12 -15.18 16.02
N SER A 198 18.72 -16.17 15.21
CA SER A 198 17.57 -17.06 15.50
C SER A 198 17.93 -17.98 16.67
N ARG A 199 19.13 -18.56 16.68
CA ARG A 199 19.53 -19.52 17.75
C ARG A 199 19.52 -18.81 19.11
N ASN A 200 20.04 -17.58 19.16
CA ASN A 200 20.23 -16.76 20.40
C ASN A 200 18.96 -16.00 20.78
N ALA A 201 17.99 -15.86 19.87
CA ALA A 201 16.70 -15.21 20.16
C ALA A 201 15.95 -15.99 21.26
N ASP A 202 15.22 -15.29 22.13
CA ASP A 202 14.26 -15.90 23.09
C ASP A 202 12.83 -15.68 22.59
N LEU A 203 12.68 -14.86 21.55
CA LEU A 203 11.41 -14.71 20.79
C LEU A 203 11.69 -14.56 19.29
N SER A 204 11.05 -15.39 18.46
CA SER A 204 11.04 -15.29 16.96
C SER A 204 9.58 -15.06 16.56
N ILE A 205 9.31 -13.95 15.88
CA ILE A 205 7.97 -13.56 15.34
C ILE A 205 8.05 -13.66 13.82
N THR A 206 7.18 -14.46 13.21
CA THR A 206 7.09 -14.61 11.73
C THR A 206 5.89 -13.76 11.28
N LEU A 207 6.07 -12.95 10.24
CA LEU A 207 5.05 -12.06 9.61
C LEU A 207 4.98 -12.37 8.11
N GLY A 208 3.80 -12.79 7.64
CA GLY A 208 3.49 -13.00 6.22
C GLY A 208 4.50 -13.90 5.54
N THR A 209 4.87 -15.03 6.15
CA THR A 209 5.54 -16.15 5.44
C THR A 209 4.83 -17.47 5.80
N SER A 210 4.72 -18.39 4.83
CA SER A 210 4.11 -19.72 4.96
C SER A 210 5.20 -20.73 5.39
N LEU A 211 6.45 -20.29 5.38
CA LEU A 211 7.62 -20.99 6.05
C LEU A 211 7.95 -22.30 5.35
N GLN A 212 7.66 -22.38 4.05
CA GLN A 212 7.71 -23.66 3.27
C GLN A 212 9.09 -23.82 2.62
N ILE A 213 9.92 -22.79 2.61
CA ILE A 213 11.24 -22.79 1.92
C ILE A 213 12.32 -23.08 2.96
N ARG A 214 13.10 -24.13 2.74
CA ARG A 214 14.28 -24.49 3.56
C ARG A 214 15.51 -23.81 2.97
N PRO A 215 16.46 -23.32 3.79
CA PRO A 215 16.34 -23.35 5.24
C PRO A 215 15.62 -22.13 5.84
N SER A 216 15.30 -21.13 5.04
CA SER A 216 14.70 -19.83 5.47
C SER A 216 13.56 -20.07 6.47
N GLY A 217 12.59 -20.88 6.07
CA GLY A 217 11.35 -21.16 6.82
C GLY A 217 11.62 -21.95 8.08
N ASN A 218 12.80 -22.54 8.19
CA ASN A 218 13.19 -23.36 9.36
C ASN A 218 13.86 -22.52 10.44
N LEU A 219 14.43 -21.36 10.10
CA LEU A 219 15.22 -20.52 11.03
C LEU A 219 14.42 -20.16 12.29
N PRO A 220 13.12 -19.76 12.21
CA PRO A 220 12.35 -19.49 13.42
C PRO A 220 12.27 -20.68 14.40
N LEU A 221 12.30 -21.92 13.92
CA LEU A 221 12.24 -23.15 14.79
C LEU A 221 13.48 -23.18 15.69
N ALA A 222 14.61 -22.68 15.21
CA ALA A 222 15.90 -22.64 15.95
C ALA A 222 15.71 -21.92 17.29
N THR A 223 14.85 -20.90 17.32
CA THR A 223 14.52 -20.14 18.55
C THR A 223 13.89 -21.08 19.59
N LYS A 224 13.05 -22.03 19.15
CA LYS A 224 12.35 -22.98 20.05
C LYS A 224 13.35 -23.80 20.88
N ARG A 225 14.56 -24.00 20.38
CA ARG A 225 15.65 -24.70 21.11
C ARG A 225 16.06 -23.86 22.32
N ARG A 226 16.21 -24.49 23.50
CA ARG A 226 16.59 -23.89 24.80
C ARG A 226 15.49 -22.94 25.28
N GLY A 227 14.25 -23.17 24.84
CA GLY A 227 13.04 -22.67 25.52
C GLY A 227 12.53 -21.38 24.92
N GLY A 228 13.07 -20.94 23.79
CA GLY A 228 12.62 -19.70 23.12
C GLY A 228 11.17 -19.82 22.72
N ARG A 229 10.49 -18.68 22.53
CA ARG A 229 9.05 -18.61 22.14
C ARG A 229 8.96 -18.27 20.65
N LEU A 230 7.91 -18.76 20.00
CA LEU A 230 7.67 -18.61 18.54
C LEU A 230 6.26 -18.07 18.36
N VAL A 231 6.15 -16.92 17.70
CA VAL A 231 4.85 -16.36 17.25
C VAL A 231 4.83 -16.37 15.71
N ILE A 232 3.73 -16.86 15.15
CA ILE A 232 3.49 -16.92 13.69
C ILE A 232 2.33 -15.98 13.40
N VAL A 233 2.54 -14.96 12.59
CA VAL A 233 1.41 -14.09 12.13
C VAL A 233 1.23 -14.35 10.64
N ASN A 234 0.06 -14.88 10.28
CA ASN A 234 -0.23 -15.30 8.88
C ASN A 234 -1.72 -15.55 8.66
N LEU A 235 -2.21 -15.10 7.50
CA LEU A 235 -3.60 -15.36 7.08
C LEU A 235 -3.82 -16.86 6.78
N GLN A 236 -2.88 -17.51 6.10
CA GLN A 236 -3.00 -18.94 5.75
C GLN A 236 -2.32 -19.75 6.86
N PRO A 237 -2.57 -21.08 6.92
CA PRO A 237 -1.68 -21.96 7.69
C PRO A 237 -0.22 -21.82 7.26
N THR A 238 0.71 -22.34 8.06
CA THR A 238 2.15 -22.31 7.70
C THR A 238 2.78 -23.65 8.08
N LYS A 239 3.92 -23.97 7.48
CA LYS A 239 4.57 -25.28 7.70
C LYS A 239 4.58 -25.60 9.20
N HIS A 240 4.84 -24.60 10.04
CA HIS A 240 5.28 -24.81 11.45
C HIS A 240 4.22 -24.33 12.45
N ASP A 241 2.94 -24.26 12.07
CA ASP A 241 1.83 -23.84 12.96
C ASP A 241 1.87 -24.63 14.28
N ARG A 242 2.07 -25.95 14.17
CA ARG A 242 2.21 -26.93 15.29
C ARG A 242 3.17 -26.42 16.37
N HIS A 243 4.25 -25.72 15.99
CA HIS A 243 5.38 -25.37 16.90
C HIS A 243 5.20 -23.97 17.51
N ALA A 244 4.17 -23.22 17.09
CA ALA A 244 3.95 -21.84 17.57
C ALA A 244 3.41 -21.86 19.01
N ASP A 245 3.92 -20.98 19.86
CA ASP A 245 3.30 -20.67 21.17
C ASP A 245 2.04 -19.82 20.86
N LEU A 246 2.06 -19.08 19.76
CA LEU A 246 0.94 -18.13 19.42
C LEU A 246 0.84 -18.01 17.90
N ARG A 247 -0.36 -18.22 17.35
CA ARG A 247 -0.69 -18.08 15.92
C ARG A 247 -1.76 -17.01 15.86
N ILE A 248 -1.50 -15.96 15.11
CA ILE A 248 -2.47 -14.86 14.89
C ILE A 248 -2.83 -14.84 13.42
N HIS A 249 -4.10 -15.04 13.13
CA HIS A 249 -4.69 -15.09 11.78
C HIS A 249 -5.39 -13.74 11.54
N GLY A 250 -4.66 -12.81 10.93
CA GLY A 250 -5.14 -11.44 10.63
C GLY A 250 -4.16 -10.73 9.73
N TYR A 251 -4.56 -9.58 9.19
CA TYR A 251 -3.73 -8.72 8.32
C TYR A 251 -2.59 -8.21 9.18
N VAL A 252 -1.35 -8.41 8.72
CA VAL A 252 -0.14 -8.07 9.51
C VAL A 252 -0.16 -6.56 9.83
N ASP A 253 -0.75 -5.72 8.97
CA ASP A 253 -0.77 -4.27 9.28
C ASP A 253 -1.67 -4.01 10.49
N GLU A 254 -2.80 -4.72 10.60
CA GLU A 254 -3.74 -4.57 11.74
C GLU A 254 -3.02 -5.07 13.00
N VAL A 255 -2.38 -6.23 12.90
CA VAL A 255 -1.61 -6.78 14.04
C VAL A 255 -0.55 -5.76 14.47
N MET A 256 0.26 -5.26 13.55
CA MET A 256 1.49 -4.49 13.91
C MET A 256 1.07 -3.11 14.39
N THR A 257 -0.01 -2.52 13.87
CA THR A 257 -0.49 -1.19 14.37
C THR A 257 -1.05 -1.30 15.80
N ARG A 258 -1.79 -2.36 16.14
CA ARG A 258 -2.36 -2.61 17.48
C ARG A 258 -1.20 -2.92 18.41
N LEU A 259 -0.19 -3.66 17.94
CA LEU A 259 0.99 -3.96 18.79
C LEU A 259 1.75 -2.67 19.13
N MET A 260 2.08 -1.84 18.15
CA MET A 260 2.81 -0.55 18.35
C MET A 260 2.04 0.28 19.38
N LYS A 261 0.72 0.38 19.23
CA LYS A 261 -0.15 1.12 20.15
C LYS A 261 0.06 0.59 21.58
N HIS A 262 -0.05 -0.73 21.77
CA HIS A 262 0.13 -1.38 23.10
C HIS A 262 1.52 -1.02 23.65
N LEU A 263 2.55 -1.02 22.78
CA LEU A 263 3.95 -0.75 23.17
C LEU A 263 4.18 0.74 23.43
N GLY A 264 3.23 1.62 23.07
CA GLY A 264 3.38 3.08 23.24
C GLY A 264 4.29 3.71 22.19
N LEU A 265 4.39 3.12 20.99
CA LEU A 265 5.31 3.59 19.91
C LEU A 265 4.53 4.08 18.69
N GLU A 266 4.98 5.18 18.07
CA GLU A 266 4.42 5.69 16.81
C GLU A 266 5.08 4.94 15.64
N ILE A 267 4.33 4.77 14.55
CA ILE A 267 4.90 4.27 13.28
C ILE A 267 5.45 5.49 12.55
N PRO A 268 6.78 5.55 12.34
CA PRO A 268 7.41 6.73 11.75
C PRO A 268 7.07 6.94 10.27
N ALA A 269 7.25 8.19 9.85
CA ALA A 269 7.06 8.67 8.46
C ALA A 269 8.14 8.06 7.57
N TRP A 270 7.80 7.76 6.33
CA TRP A 270 8.79 7.32 5.30
C TRP A 270 9.23 8.56 4.52
N ASP A 271 10.53 8.87 4.59
CA ASP A 271 11.17 10.02 3.89
C ASP A 271 11.41 9.70 2.41
N GLY A 272 10.89 8.57 1.89
CA GLY A 272 11.21 8.08 0.55
C GLY A 272 12.45 7.17 0.55
N PRO A 273 12.87 6.63 -0.62
CA PRO A 273 13.87 5.56 -0.65
C PRO A 273 15.18 6.06 -0.01
N ARG A 274 15.62 5.44 1.07
CA ARG A 274 16.89 5.82 1.72
C ARG A 274 17.59 4.54 2.13
N VAL A 275 18.92 4.53 2.10
CA VAL A 275 19.74 3.32 2.43
C VAL A 275 20.52 3.65 3.70
N LEU A 276 20.38 2.83 4.75
CA LEU A 276 21.16 2.95 6.00
C LEU A 276 22.03 1.68 6.16
N GLU A 277 23.35 1.79 6.09
CA GLU A 277 24.28 0.63 6.21
C GLU A 277 24.32 0.11 7.64
N ARG A 278 24.40 1.03 8.60
CA ARG A 278 24.75 0.70 9.99
C ARG A 278 23.68 1.24 10.95
N ALA A 279 23.19 0.36 11.82
CA ALA A 279 22.23 0.67 12.88
C ALA A 279 22.78 1.86 13.68
N LEU A 280 21.95 2.90 13.88
CA LEU A 280 22.27 4.05 14.77
C LEU A 280 22.14 3.63 16.23
N PRO A 281 22.70 4.38 17.22
CA PRO A 281 22.49 4.07 18.64
C PRO A 281 21.01 4.11 19.00
N PRO A 282 20.52 3.18 19.85
CA PRO A 282 19.10 3.08 20.20
C PRO A 282 18.45 4.34 20.81
N LEU A 283 17.20 4.59 20.44
CA LEU A 283 16.45 5.76 20.95
C LEU A 283 15.75 5.39 22.25
N PRO A 284 15.22 6.39 23.00
CA PRO A 284 14.51 6.12 24.25
C PRO A 284 13.30 5.24 23.88
N ARG A 285 12.78 4.47 24.85
CA ARG A 285 11.51 3.73 24.70
C ARG A 285 10.69 3.79 25.97
N PRO A 286 9.36 3.63 25.87
CA PRO A 286 8.51 3.73 27.04
C PRO A 286 8.95 2.73 28.11
N PRO A 287 8.67 3.00 29.40
CA PRO A 287 8.92 2.03 30.45
C PRO A 287 7.98 0.82 30.28
N THR A 288 8.40 -0.34 30.79
CA THR A 288 7.69 -1.63 30.62
C THR A 288 6.55 -1.76 31.64
N PRO A 289 5.38 -2.30 31.24
CA PRO A 289 4.34 -2.61 32.21
C PRO A 289 4.78 -3.64 33.24
N LYS A 290 4.14 -3.63 34.40
CA LYS A 290 4.12 -4.77 35.34
C LYS A 290 3.26 -5.85 34.70
N LEU A 291 3.80 -7.06 34.57
CA LEU A 291 3.13 -8.13 33.79
C LEU A 291 2.47 -9.13 34.75
N GLU A 292 3.29 -9.78 35.59
CA GLU A 292 2.91 -10.97 36.41
C GLU A 292 1.93 -10.53 37.51
N LYS B 9 -22.86 -3.91 -15.03
CA LYS B 9 -21.47 -3.80 -14.46
C LYS B 9 -20.45 -3.43 -15.54
N GLY B 10 -20.90 -3.20 -16.78
CA GLY B 10 -20.09 -2.59 -17.86
C GLY B 10 -18.95 -3.49 -18.32
N LYS B 11 -17.94 -2.91 -18.95
CA LYS B 11 -16.81 -3.64 -19.57
C LYS B 11 -15.75 -3.89 -18.50
N CYS B 12 -15.44 -5.17 -18.28
CA CYS B 12 -14.64 -5.66 -17.13
C CYS B 12 -13.46 -6.45 -17.68
N GLY B 13 -12.28 -6.25 -17.09
CA GLY B 13 -11.07 -7.03 -17.40
C GLY B 13 -10.51 -6.70 -18.77
N LEU B 14 -10.64 -5.45 -19.25
CA LEU B 14 -9.98 -5.03 -20.52
C LEU B 14 -8.47 -5.07 -20.31
N PRO B 15 -7.69 -5.22 -21.41
CA PRO B 15 -6.23 -5.30 -21.29
C PRO B 15 -5.63 -3.97 -20.80
N GLU B 16 -4.57 -4.07 -20.01
CA GLU B 16 -3.84 -2.91 -19.47
C GLU B 16 -2.92 -2.36 -20.57
N ILE B 17 -2.72 -1.06 -20.58
CA ILE B 17 -1.76 -0.36 -21.51
C ILE B 17 -0.66 0.23 -20.64
N PHE B 18 0.58 0.05 -21.04
CA PHE B 18 1.76 0.70 -20.39
C PHE B 18 2.45 1.60 -21.42
N ASP B 19 2.38 2.92 -21.20
CA ASP B 19 3.27 3.87 -21.90
C ASP B 19 4.71 3.43 -21.64
N PRO B 20 5.57 3.30 -22.67
CA PRO B 20 7.00 3.07 -22.46
C PRO B 20 7.66 4.23 -21.73
N PRO B 21 8.76 3.99 -20.98
CA PRO B 21 9.32 4.96 -20.04
C PRO B 21 9.56 6.38 -20.60
N GLU B 22 10.06 6.50 -21.83
CA GLU B 22 10.40 7.82 -22.44
C GLU B 22 9.10 8.56 -22.71
N GLU B 23 8.09 7.85 -23.22
CA GLU B 23 6.74 8.42 -23.52
C GLU B 23 6.09 8.84 -22.21
N LEU B 24 6.24 8.01 -21.18
CA LEU B 24 5.61 8.24 -19.85
C LEU B 24 6.22 9.52 -19.26
N GLU B 25 7.54 9.69 -19.33
CA GLU B 25 8.23 10.87 -18.76
C GLU B 25 7.73 12.13 -19.49
N ARG B 26 7.56 12.04 -20.81
CA ARG B 26 7.15 13.19 -21.65
C ARG B 26 5.73 13.62 -21.25
N LYS B 27 4.83 12.66 -21.05
CA LYS B 27 3.39 12.95 -20.79
C LYS B 27 3.23 13.62 -19.41
N VAL B 28 4.05 13.23 -18.43
CA VAL B 28 3.96 13.77 -17.04
C VAL B 28 4.49 15.21 -17.04
N TRP B 29 5.53 15.49 -17.82
CA TRP B 29 6.03 16.88 -18.00
C TRP B 29 4.88 17.71 -18.58
N GLU B 30 4.18 17.16 -19.56
CA GLU B 30 3.05 17.83 -20.25
C GLU B 30 1.90 18.05 -19.26
N LEU B 31 1.63 17.07 -18.37
CA LEU B 31 0.60 17.22 -17.31
C LEU B 31 1.01 18.36 -16.36
N ALA B 32 2.27 18.41 -15.95
CA ALA B 32 2.85 19.51 -15.14
C ALA B 32 2.57 20.84 -15.83
N ARG B 33 2.92 20.94 -17.13
CA ARG B 33 2.70 22.16 -17.96
C ARG B 33 1.22 22.56 -17.86
N LEU B 34 0.30 21.60 -17.96
CA LEU B 34 -1.16 21.87 -17.88
C LEU B 34 -1.55 22.34 -16.47
N VAL B 35 -0.99 21.75 -15.41
CA VAL B 35 -1.33 22.18 -14.03
C VAL B 35 -0.82 23.61 -13.80
N TRP B 36 0.40 23.92 -14.24
CA TRP B 36 1.01 25.27 -14.15
C TRP B 36 0.15 26.31 -14.88
N GLN B 37 -0.37 25.98 -16.06
CA GLN B 37 -1.15 26.91 -16.92
C GLN B 37 -2.60 27.06 -16.47
N SER B 38 -3.11 26.21 -15.59
CA SER B 38 -4.56 26.11 -15.28
C SER B 38 -4.94 26.96 -14.06
N SER B 39 -6.02 27.74 -14.18
CA SER B 39 -6.63 28.55 -13.09
C SER B 39 -7.42 27.66 -12.11
N SER B 40 -8.16 26.67 -12.62
CA SER B 40 -9.11 25.88 -11.81
C SER B 40 -9.01 24.39 -12.17
N VAL B 41 -8.29 23.62 -11.35
CA VAL B 41 -8.01 22.17 -11.59
C VAL B 41 -8.94 21.35 -10.71
N VAL B 42 -9.60 20.37 -11.30
CA VAL B 42 -10.51 19.41 -10.61
C VAL B 42 -9.98 18.01 -10.89
N PHE B 43 -9.88 17.22 -9.85
CA PHE B 43 -9.44 15.81 -9.91
C PHE B 43 -10.67 14.93 -9.69
N HIS B 44 -10.76 13.87 -10.48
CA HIS B 44 -11.82 12.85 -10.44
C HIS B 44 -11.15 11.54 -10.08
N THR B 45 -11.48 10.92 -8.94
CA THR B 45 -10.85 9.63 -8.52
C THR B 45 -11.85 8.47 -8.48
N GLY B 46 -11.34 7.30 -8.84
CA GLY B 46 -12.02 6.00 -8.81
C GLY B 46 -11.12 5.01 -8.11
N ALA B 47 -11.44 3.71 -8.19
CA ALA B 47 -10.92 2.65 -7.30
C ALA B 47 -9.45 2.32 -7.60
N GLY B 48 -8.95 2.67 -8.79
CA GLY B 48 -7.53 2.52 -9.19
C GLY B 48 -6.57 3.27 -8.28
N ILE B 49 -6.98 4.32 -7.58
CA ILE B 49 -6.07 5.08 -6.66
C ILE B 49 -5.93 4.36 -5.30
N SER B 50 -6.66 3.28 -5.04
CA SER B 50 -6.58 2.55 -3.74
C SER B 50 -6.03 1.14 -3.91
N THR B 51 -5.79 0.70 -5.15
CA THR B 51 -5.33 -0.68 -5.43
C THR B 51 -3.94 -0.90 -4.81
N ALA B 52 -3.08 0.13 -4.78
CA ALA B 52 -1.71 0.00 -4.22
C ALA B 52 -1.71 0.03 -2.67
N SER B 53 -2.87 0.18 -2.02
CA SER B 53 -3.08 0.05 -0.54
C SER B 53 -3.84 -1.25 -0.20
N GLY B 54 -4.04 -2.09 -1.23
CA GLY B 54 -4.50 -3.49 -1.16
C GLY B 54 -5.99 -3.60 -1.30
N ILE B 55 -6.64 -2.53 -1.76
CA ILE B 55 -8.12 -2.57 -1.96
C ILE B 55 -8.37 -2.80 -3.45
N PRO B 56 -8.96 -3.96 -3.86
CA PRO B 56 -9.15 -4.25 -5.26
C PRO B 56 -10.10 -3.27 -5.95
N ASP B 57 -9.92 -3.11 -7.25
CA ASP B 57 -10.87 -2.29 -8.03
C ASP B 57 -12.07 -3.16 -8.42
N PHE B 58 -12.85 -2.67 -9.37
CA PHE B 58 -14.09 -3.38 -9.79
C PHE B 58 -13.94 -4.00 -11.19
N ARG B 59 -13.26 -3.34 -12.13
CA ARG B 59 -13.24 -3.76 -13.55
C ARG B 59 -11.81 -3.97 -14.05
N GLY B 60 -10.82 -3.91 -13.16
CA GLY B 60 -9.40 -4.22 -13.48
C GLY B 60 -9.22 -5.72 -13.72
N PRO B 61 -8.03 -6.18 -14.14
CA PRO B 61 -7.80 -7.60 -14.37
C PRO B 61 -8.31 -8.46 -13.21
N HIS B 62 -8.12 -8.02 -11.96
CA HIS B 62 -8.54 -8.74 -10.72
C HIS B 62 -9.61 -7.91 -9.97
N GLY B 63 -10.32 -7.05 -10.68
CA GLY B 63 -11.44 -6.27 -10.10
C GLY B 63 -12.55 -7.13 -9.54
N VAL B 64 -13.32 -6.59 -8.61
CA VAL B 64 -14.49 -7.24 -7.93
C VAL B 64 -15.42 -7.81 -9.01
N TRP B 65 -15.92 -6.97 -9.93
CA TRP B 65 -16.88 -7.39 -10.99
C TRP B 65 -16.20 -8.30 -12.02
N THR B 66 -14.95 -8.03 -12.41
CA THR B 66 -14.15 -8.88 -13.34
C THR B 66 -14.05 -10.29 -12.76
N MET B 67 -13.67 -10.41 -11.48
CA MET B 67 -13.49 -11.72 -10.79
C MET B 67 -14.85 -12.42 -10.65
N GLU B 68 -15.90 -11.70 -10.26
CA GLU B 68 -17.30 -12.21 -10.22
C GLU B 68 -17.64 -12.89 -11.57
N GLU B 69 -17.41 -12.21 -12.70
CA GLU B 69 -17.74 -12.71 -14.06
C GLU B 69 -17.01 -14.02 -14.36
N ARG B 70 -15.81 -14.21 -13.81
CA ARG B 70 -14.96 -15.40 -14.11
C ARG B 70 -15.12 -16.44 -13.01
N GLY B 71 -16.13 -16.26 -12.14
CA GLY B 71 -16.42 -17.19 -11.04
C GLY B 71 -15.31 -17.25 -10.01
N LEU B 72 -14.56 -16.16 -9.85
CA LEU B 72 -13.47 -16.05 -8.84
C LEU B 72 -13.86 -14.97 -7.84
N ALA B 73 -13.13 -14.83 -6.73
CA ALA B 73 -13.40 -13.79 -5.71
C ALA B 73 -12.31 -12.72 -5.81
N PRO B 74 -12.65 -11.44 -5.58
CA PRO B 74 -11.63 -10.41 -5.41
C PRO B 74 -10.85 -10.65 -4.11
N LYS B 75 -9.64 -10.10 -4.02
CA LYS B 75 -8.73 -10.34 -2.88
C LYS B 75 -8.39 -8.98 -2.24
N PHE B 76 -8.74 -8.83 -0.97
CA PHE B 76 -8.32 -7.68 -0.13
C PHE B 76 -7.05 -8.06 0.60
N ASP B 77 -6.02 -7.20 0.52
CA ASP B 77 -4.73 -7.33 1.25
C ASP B 77 -4.78 -6.50 2.53
N THR B 78 -5.88 -5.76 2.76
CA THR B 78 -6.11 -5.02 4.03
C THR B 78 -7.60 -5.05 4.41
N THR B 79 -7.94 -4.54 5.59
CA THR B 79 -9.34 -4.18 5.93
C THR B 79 -9.52 -2.70 5.59
N PHE B 80 -10.77 -2.25 5.50
CA PHE B 80 -11.04 -0.80 5.27
C PHE B 80 -10.40 0.06 6.36
N GLU B 81 -10.48 -0.41 7.62
CA GLU B 81 -10.01 0.28 8.83
C GLU B 81 -8.50 0.38 8.83
N SER B 82 -7.78 -0.67 8.40
CA SER B 82 -6.29 -0.73 8.39
C SER B 82 -5.68 -0.16 7.09
N ALA B 83 -6.49 0.17 6.08
CA ALA B 83 -5.98 0.68 4.78
C ALA B 83 -5.23 2.00 5.05
N ARG B 84 -4.09 2.21 4.38
CA ARG B 84 -3.40 3.52 4.43
C ARG B 84 -3.65 4.26 3.12
N PRO B 85 -3.78 5.60 3.18
CA PRO B 85 -3.81 6.42 1.98
C PRO B 85 -2.52 6.16 1.19
N THR B 86 -2.67 6.10 -0.14
CA THR B 86 -1.57 5.90 -1.09
C THR B 86 -0.81 7.22 -1.20
N GLN B 87 0.39 7.13 -1.76
CA GLN B 87 1.16 8.28 -2.32
C GLN B 87 0.21 9.21 -3.10
N THR B 88 -0.62 8.66 -3.96
CA THR B 88 -1.60 9.42 -4.78
C THR B 88 -2.56 10.19 -3.85
N HIS B 89 -3.19 9.53 -2.86
CA HIS B 89 -4.04 10.18 -1.82
C HIS B 89 -3.31 11.37 -1.17
N MET B 90 -2.06 11.17 -0.74
CA MET B 90 -1.29 12.20 0.01
C MET B 90 -0.87 13.34 -0.93
N ALA B 91 -0.58 13.07 -2.20
CA ALA B 91 -0.24 14.12 -3.19
C ALA B 91 -1.45 15.06 -3.32
N LEU B 92 -2.66 14.49 -3.31
CA LEU B 92 -3.91 15.27 -3.56
C LEU B 92 -4.18 16.17 -2.35
N VAL B 93 -3.80 15.72 -1.15
CA VAL B 93 -3.84 16.51 0.11
C VAL B 93 -2.97 17.75 -0.11
N GLN B 94 -1.72 17.53 -0.51
CA GLN B 94 -0.72 18.61 -0.68
C GLN B 94 -1.13 19.56 -1.80
N LEU B 95 -1.62 19.04 -2.93
CA LEU B 95 -2.04 19.86 -4.11
C LEU B 95 -3.19 20.78 -3.69
N GLU B 96 -4.10 20.30 -2.83
CA GLU B 96 -5.19 21.17 -2.28
C GLU B 96 -4.56 22.22 -1.34
N ARG B 97 -3.59 21.86 -0.49
CA ARG B 97 -3.04 22.79 0.53
C ARG B 97 -2.32 23.97 -0.13
N VAL B 98 -1.68 23.78 -1.29
CA VAL B 98 -0.85 24.84 -1.93
C VAL B 98 -1.68 25.57 -3.00
N GLY B 99 -2.97 25.24 -3.14
CA GLY B 99 -3.93 25.97 -3.99
C GLY B 99 -3.93 25.52 -5.45
N LEU B 100 -3.42 24.33 -5.78
CA LEU B 100 -3.35 23.80 -7.17
C LEU B 100 -4.48 22.83 -7.47
N LEU B 101 -5.32 22.50 -6.49
CA LEU B 101 -6.51 21.64 -6.67
C LEU B 101 -7.72 22.45 -6.20
N ARG B 102 -8.67 22.72 -7.10
CA ARG B 102 -9.88 23.49 -6.73
C ARG B 102 -10.84 22.56 -5.98
N PHE B 103 -11.06 21.36 -6.49
CA PHE B 103 -12.08 20.42 -5.98
C PHE B 103 -11.74 18.98 -6.39
N LEU B 104 -12.22 18.06 -5.56
CA LEU B 104 -11.92 16.61 -5.67
C LEU B 104 -13.25 15.85 -5.78
N VAL B 105 -13.48 15.21 -6.93
CA VAL B 105 -14.64 14.32 -7.16
C VAL B 105 -14.23 12.85 -7.15
N SER B 106 -14.78 12.08 -6.21
CA SER B 106 -14.47 10.64 -6.00
C SER B 106 -15.71 9.76 -5.97
N GLN B 107 -15.63 8.69 -6.75
CA GLN B 107 -16.59 7.57 -6.78
C GLN B 107 -16.29 6.57 -5.66
N ASN B 108 -15.21 6.79 -4.89
CA ASN B 108 -14.69 5.76 -3.94
C ASN B 108 -15.49 5.80 -2.63
N VAL B 109 -15.83 4.62 -2.11
CA VAL B 109 -16.57 4.42 -0.83
C VAL B 109 -15.58 4.00 0.27
N ASP B 110 -14.31 3.83 -0.09
CA ASP B 110 -13.25 3.30 0.82
C ASP B 110 -12.93 4.28 1.95
N GLY B 111 -13.43 5.52 1.94
CA GLY B 111 -13.23 6.46 3.05
C GLY B 111 -11.83 7.06 3.17
N LEU B 112 -10.90 6.75 2.24
CA LEU B 112 -9.46 7.14 2.37
C LEU B 112 -9.26 8.65 2.14
N HIS B 113 -9.93 9.28 1.18
CA HIS B 113 -9.74 10.75 1.00
C HIS B 113 -9.95 11.43 2.35
N VAL B 114 -11.09 11.16 3.04
CA VAL B 114 -11.45 11.79 4.35
C VAL B 114 -10.36 11.42 5.36
N ARG B 115 -9.97 10.15 5.44
CA ARG B 115 -9.00 9.70 6.47
C ARG B 115 -7.59 10.27 6.20
N SER B 116 -7.26 10.56 4.94
CA SER B 116 -6.01 11.23 4.51
C SER B 116 -5.93 12.67 5.05
N GLY B 117 -7.04 13.25 5.52
CA GLY B 117 -7.09 14.62 6.06
C GLY B 117 -7.49 15.62 4.99
N PHE B 118 -8.00 15.14 3.85
CA PHE B 118 -8.45 16.01 2.74
C PHE B 118 -9.72 16.73 3.21
N PRO B 119 -9.84 18.06 3.00
CA PRO B 119 -10.98 18.81 3.54
C PRO B 119 -12.28 18.46 2.82
N ARG B 120 -13.27 18.09 3.62
CA ARG B 120 -14.59 17.58 3.16
C ARG B 120 -15.30 18.65 2.34
N ASP B 121 -15.08 19.94 2.61
CA ASP B 121 -15.77 21.02 1.87
C ASP B 121 -15.15 21.16 0.46
N LYS B 122 -14.06 20.45 0.14
CA LYS B 122 -13.55 20.43 -1.26
C LYS B 122 -13.70 19.05 -1.89
N LEU B 123 -14.47 18.17 -1.27
CA LEU B 123 -14.64 16.75 -1.66
C LEU B 123 -16.13 16.42 -1.90
N ALA B 124 -16.43 15.78 -3.02
CA ALA B 124 -17.72 15.10 -3.30
C ALA B 124 -17.51 13.58 -3.29
N GLU B 125 -18.20 12.89 -2.39
CA GLU B 125 -18.20 11.42 -2.28
C GLU B 125 -19.47 10.88 -2.95
N LEU B 126 -19.45 10.74 -4.28
CA LEU B 126 -20.67 10.60 -5.10
C LEU B 126 -21.39 9.29 -4.78
N HIS B 127 -20.66 8.25 -4.38
CA HIS B 127 -21.19 6.87 -4.20
C HIS B 127 -21.30 6.56 -2.70
N GLY B 128 -20.96 7.53 -1.85
CA GLY B 128 -20.96 7.42 -0.38
C GLY B 128 -19.58 7.06 0.18
N ASN B 129 -19.54 6.81 1.49
CA ASN B 129 -18.32 6.61 2.30
C ASN B 129 -18.68 5.57 3.35
N MET B 130 -17.93 4.47 3.39
CA MET B 130 -18.19 3.29 4.26
C MET B 130 -18.17 3.72 5.73
N PHE B 131 -17.45 4.78 6.09
CA PHE B 131 -17.28 5.21 7.50
C PHE B 131 -18.32 6.27 7.88
N VAL B 132 -19.15 6.68 6.94
CA VAL B 132 -20.09 7.84 7.17
C VAL B 132 -21.52 7.32 7.23
N GLU B 133 -22.19 7.58 8.37
CA GLU B 133 -23.66 7.44 8.51
C GLU B 133 -24.29 8.83 8.63
N GLU B 134 -25.56 8.93 8.26
CA GLU B 134 -26.31 10.21 8.13
C GLU B 134 -27.68 10.05 8.81
N CYS B 135 -28.06 11.03 9.61
CA CYS B 135 -29.39 11.02 10.27
C CYS B 135 -30.43 11.37 9.21
N ALA B 136 -31.45 10.52 9.09
CA ALA B 136 -32.55 10.80 8.14
C ALA B 136 -33.28 12.08 8.55
N LYS B 137 -33.50 12.29 9.85
CA LYS B 137 -34.29 13.48 10.26
C LYS B 137 -33.56 14.81 10.03
N CYS B 138 -32.33 14.93 10.48
CA CYS B 138 -31.66 16.27 10.43
C CYS B 138 -30.51 16.32 9.44
N LYS B 139 -30.22 15.20 8.77
CA LYS B 139 -29.16 15.15 7.72
C LYS B 139 -27.78 15.41 8.36
N THR B 140 -27.63 15.19 9.66
CA THR B 140 -26.29 15.36 10.24
C THR B 140 -25.47 14.10 9.97
N GLN B 141 -24.30 14.28 9.38
CA GLN B 141 -23.37 13.17 9.02
C GLN B 141 -22.43 12.93 10.20
N TYR B 142 -22.04 11.67 10.37
CA TYR B 142 -21.09 11.22 11.42
C TYR B 142 -19.96 10.48 10.72
N VAL B 143 -18.72 10.93 10.91
CA VAL B 143 -17.51 10.23 10.35
C VAL B 143 -17.00 9.34 11.47
N ARG B 144 -17.17 8.02 11.34
CA ARG B 144 -16.80 7.01 12.35
C ARG B 144 -15.39 6.49 12.06
N ASP B 145 -14.77 5.90 13.08
CA ASP B 145 -13.41 5.30 13.04
C ASP B 145 -13.49 3.86 12.50
N THR B 146 -14.67 3.24 12.47
CA THR B 146 -14.87 1.89 11.88
C THR B 146 -15.92 1.97 10.77
N VAL B 147 -15.96 0.98 9.88
CA VAL B 147 -16.97 0.95 8.78
C VAL B 147 -18.36 0.88 9.41
N VAL B 148 -19.27 1.71 8.94
CA VAL B 148 -20.73 1.59 9.26
C VAL B 148 -21.17 0.24 8.67
N GLY B 149 -21.85 -0.59 9.46
CA GLY B 149 -22.01 -2.04 9.19
C GLY B 149 -22.98 -2.38 8.09
N THR B 150 -23.65 -1.41 7.47
CA THR B 150 -24.72 -1.65 6.46
C THR B 150 -24.41 -0.93 5.15
N MET B 151 -25.08 -1.34 4.07
CA MET B 151 -25.03 -0.64 2.76
C MET B 151 -26.44 -0.62 2.16
N GLY B 152 -26.70 0.37 1.32
CA GLY B 152 -27.98 0.54 0.62
C GLY B 152 -28.86 1.59 1.26
N LEU B 153 -28.28 2.46 2.10
CA LEU B 153 -28.96 3.55 2.85
C LEU B 153 -29.90 2.93 3.91
N LYS B 154 -29.40 1.89 4.60
CA LYS B 154 -30.17 1.12 5.62
C LYS B 154 -29.90 1.69 7.02
N ALA B 155 -30.81 1.43 7.96
CA ALA B 155 -30.65 1.79 9.39
C ALA B 155 -29.42 1.03 9.92
N THR B 156 -28.50 1.73 10.60
CA THR B 156 -27.25 1.16 11.15
C THR B 156 -27.50 0.60 12.55
N GLY B 157 -28.62 0.98 13.16
CA GLY B 157 -28.98 0.61 14.55
C GLY B 157 -28.70 1.74 15.52
N ARG B 158 -27.95 2.77 15.12
CA ARG B 158 -27.57 3.91 16.01
C ARG B 158 -28.53 5.06 15.78
N LEU B 159 -28.70 5.93 16.79
CA LEU B 159 -29.56 7.14 16.72
C LEU B 159 -28.71 8.41 16.74
N CYS B 160 -29.30 9.50 16.27
CA CYS B 160 -28.64 10.83 16.24
C CYS B 160 -28.43 11.34 17.66
N THR B 161 -27.37 12.09 17.88
CA THR B 161 -27.00 12.61 19.23
C THR B 161 -26.98 14.15 19.21
N VAL B 162 -27.55 14.77 18.17
CA VAL B 162 -27.59 16.26 18.03
C VAL B 162 -28.64 16.82 19.00
N ALA B 163 -28.26 17.86 19.76
CA ALA B 163 -29.08 18.57 20.77
C ALA B 163 -30.36 19.11 20.14
N CYS B 171 -32.23 14.74 18.92
CA CYS B 171 -32.91 14.49 17.64
C CYS B 171 -33.26 12.99 17.59
N ARG B 172 -32.36 12.16 18.11
CA ARG B 172 -32.59 10.71 18.20
C ARG B 172 -33.07 10.17 16.83
N GLY B 173 -32.76 10.87 15.74
CA GLY B 173 -33.04 10.41 14.36
C GLY B 173 -32.39 9.07 14.09
N GLU B 174 -32.96 8.30 13.16
CA GLU B 174 -32.39 7.01 12.66
C GLU B 174 -31.15 7.31 11.80
N LEU B 175 -29.96 6.85 12.22
CA LEU B 175 -28.71 6.93 11.40
C LEU B 175 -28.75 5.84 10.33
N ARG B 176 -28.38 6.19 9.09
CA ARG B 176 -28.35 5.28 7.92
C ARG B 176 -26.99 5.40 7.23
N ASP B 177 -26.52 4.31 6.60
CA ASP B 177 -25.28 4.34 5.79
C ASP B 177 -25.49 5.28 4.60
N THR B 178 -24.41 5.64 3.92
CA THR B 178 -24.41 6.54 2.73
C THR B 178 -24.04 5.77 1.47
N ILE B 179 -24.01 4.44 1.54
CA ILE B 179 -23.61 3.59 0.39
C ILE B 179 -24.85 3.35 -0.50
N LEU B 180 -24.91 4.07 -1.62
CA LEU B 180 -25.91 3.93 -2.71
C LEU B 180 -25.99 2.47 -3.15
N ASP B 181 -27.19 1.92 -3.29
CA ASP B 181 -27.44 0.70 -4.09
C ASP B 181 -27.55 1.13 -5.55
N TRP B 182 -27.55 0.16 -6.48
CA TRP B 182 -27.46 0.38 -7.95
C TRP B 182 -28.50 1.39 -8.44
N GLU B 183 -29.71 1.42 -7.84
CA GLU B 183 -30.86 2.22 -8.34
C GLU B 183 -30.98 3.56 -7.61
N ASP B 184 -30.19 3.81 -6.57
CA ASP B 184 -30.26 5.08 -5.78
C ASP B 184 -29.64 6.20 -6.59
N SER B 185 -30.28 7.38 -6.61
CA SER B 185 -29.74 8.61 -7.24
C SER B 185 -28.65 9.17 -6.32
N LEU B 186 -27.73 9.95 -6.87
CA LEU B 186 -26.53 10.47 -6.18
C LEU B 186 -26.95 11.58 -5.20
N PRO B 187 -26.26 11.72 -4.05
CA PRO B 187 -26.63 12.73 -3.06
C PRO B 187 -26.57 14.12 -3.72
N ASP B 188 -27.68 14.86 -3.66
CA ASP B 188 -27.89 16.08 -4.48
C ASP B 188 -26.79 17.11 -4.20
N ARG B 189 -26.37 17.25 -2.94
CA ARG B 189 -25.36 18.27 -2.53
C ARG B 189 -24.01 17.96 -3.21
N ASP B 190 -23.52 16.73 -3.08
CA ASP B 190 -22.22 16.28 -3.62
C ASP B 190 -22.23 16.40 -5.15
N LEU B 191 -23.33 15.99 -5.81
CA LEU B 191 -23.42 15.99 -7.29
C LEU B 191 -23.48 17.43 -7.83
N ALA B 192 -24.26 18.29 -7.18
CA ALA B 192 -24.41 19.71 -7.53
C ALA B 192 -23.03 20.38 -7.48
N LEU B 193 -22.34 20.31 -6.34
CA LEU B 193 -20.99 20.92 -6.13
C LEU B 193 -20.00 20.30 -7.14
N ALA B 194 -20.08 18.97 -7.35
CA ALA B 194 -19.22 18.23 -8.31
C ALA B 194 -19.42 18.76 -9.72
N ASP B 195 -20.67 18.96 -10.12
CA ASP B 195 -21.07 19.42 -11.48
C ASP B 195 -20.55 20.85 -11.70
N GLU B 196 -20.78 21.72 -10.72
CA GLU B 196 -20.33 23.14 -10.74
C GLU B 196 -18.81 23.20 -10.89
N ALA B 197 -18.08 22.46 -10.05
CA ALA B 197 -16.59 22.46 -10.05
C ALA B 197 -16.12 21.96 -11.42
N SER B 198 -16.79 20.96 -11.99
CA SER B 198 -16.41 20.35 -13.30
C SER B 198 -16.69 21.34 -14.43
N ARG B 199 -17.83 22.04 -14.40
CA ARG B 199 -18.21 23.00 -15.48
C ARG B 199 -17.22 24.17 -15.49
N ASN B 200 -16.83 24.66 -14.32
CA ASN B 200 -15.99 25.88 -14.15
C ASN B 200 -14.50 25.56 -14.27
N ALA B 201 -14.10 24.29 -14.16
CA ALA B 201 -12.69 23.87 -14.28
C ALA B 201 -12.17 24.17 -15.69
N ASP B 202 -10.91 24.57 -15.83
CA ASP B 202 -10.22 24.66 -17.15
C ASP B 202 -9.29 23.43 -17.31
N LEU B 203 -9.09 22.66 -16.24
CA LEU B 203 -8.45 21.32 -16.32
C LEU B 203 -9.17 20.32 -15.42
N SER B 204 -9.53 19.17 -15.98
CA SER B 204 -10.09 18.00 -15.28
C SER B 204 -9.10 16.85 -15.46
N ILE B 205 -8.59 16.29 -14.36
CA ILE B 205 -7.66 15.12 -14.37
C ILE B 205 -8.42 13.94 -13.74
N THR B 206 -8.50 12.82 -14.44
CA THR B 206 -9.09 11.57 -13.93
C THR B 206 -7.93 10.65 -13.54
N LEU B 207 -8.05 9.99 -12.39
CA LEU B 207 -7.04 9.05 -11.81
C LEU B 207 -7.76 7.76 -11.43
N GLY B 208 -7.36 6.62 -12.02
CA GLY B 208 -7.87 5.27 -11.68
C GLY B 208 -9.38 5.21 -11.70
N THR B 209 -10.02 5.71 -12.75
CA THR B 209 -11.46 5.47 -13.04
C THR B 209 -11.60 5.11 -14.53
N SER B 210 -12.45 4.12 -14.83
CA SER B 210 -12.76 3.68 -16.22
C SER B 210 -13.91 4.55 -16.76
N LEU B 211 -14.50 5.39 -15.93
CA LEU B 211 -15.47 6.47 -16.30
C LEU B 211 -16.76 5.88 -16.89
N GLN B 212 -17.17 4.69 -16.45
CA GLN B 212 -18.28 3.91 -17.05
C GLN B 212 -19.61 4.19 -16.34
N ILE B 213 -19.57 4.82 -15.15
CA ILE B 213 -20.77 5.05 -14.29
C ILE B 213 -21.32 6.45 -14.55
N ARG B 214 -22.57 6.55 -15.00
CA ARG B 214 -23.31 7.83 -15.19
C ARG B 214 -23.97 8.20 -13.88
N PRO B 215 -23.98 9.47 -13.45
CA PRO B 215 -23.34 10.56 -14.21
C PRO B 215 -21.87 10.82 -13.82
N SER B 216 -21.35 10.10 -12.83
CA SER B 216 -19.99 10.32 -12.24
C SER B 216 -18.94 10.37 -13.34
N GLY B 217 -18.95 9.36 -14.21
CA GLY B 217 -17.96 9.18 -15.30
C GLY B 217 -18.08 10.27 -16.35
N ASN B 218 -19.21 10.97 -16.41
CA ASN B 218 -19.45 12.04 -17.43
C ASN B 218 -19.00 13.42 -16.92
N LEU B 219 -18.84 13.63 -15.62
CA LEU B 219 -18.53 14.98 -15.05
C LEU B 219 -17.25 15.54 -15.67
N PRO B 220 -16.16 14.75 -15.84
CA PRO B 220 -14.96 15.27 -16.48
C PRO B 220 -15.21 15.86 -17.88
N LEU B 221 -16.15 15.29 -18.65
CA LEU B 221 -16.51 15.79 -20.00
C LEU B 221 -17.06 17.22 -19.92
N ALA B 222 -17.71 17.57 -18.81
CA ALA B 222 -18.29 18.92 -18.61
C ALA B 222 -17.20 19.99 -18.76
N THR B 223 -15.96 19.67 -18.37
CA THR B 223 -14.78 20.58 -18.42
C THR B 223 -14.48 20.90 -19.89
N LYS B 224 -14.61 19.91 -20.79
CA LYS B 224 -14.33 20.07 -22.23
C LYS B 224 -15.16 21.21 -22.85
N ARG B 225 -16.36 21.47 -22.32
CA ARG B 225 -17.23 22.61 -22.72
C ARG B 225 -16.52 23.93 -22.42
N ARG B 226 -16.53 24.87 -23.37
CA ARG B 226 -15.88 26.21 -23.28
C ARG B 226 -14.35 26.07 -23.16
N GLY B 227 -13.78 25.00 -23.72
CA GLY B 227 -12.36 24.94 -24.06
C GLY B 227 -11.51 24.26 -23.00
N GLY B 228 -12.11 23.76 -21.91
CA GLY B 228 -11.38 23.09 -20.83
C GLY B 228 -10.57 21.91 -21.34
N ARG B 229 -9.44 21.61 -20.70
CA ARG B 229 -8.57 20.45 -21.04
C ARG B 229 -8.94 19.27 -20.15
N LEU B 230 -8.78 18.05 -20.68
CA LEU B 230 -9.12 16.80 -19.95
C LEU B 230 -7.91 15.88 -20.00
N VAL B 231 -7.44 15.42 -18.85
CA VAL B 231 -6.36 14.39 -18.77
C VAL B 231 -6.98 13.16 -18.10
N ILE B 232 -6.73 11.99 -18.67
CA ILE B 232 -7.17 10.66 -18.16
C ILE B 232 -5.88 9.89 -17.84
N VAL B 233 -5.74 9.45 -16.59
CA VAL B 233 -4.62 8.60 -16.09
C VAL B 233 -5.25 7.27 -15.68
N ASN B 234 -4.90 6.20 -16.39
CA ASN B 234 -5.54 4.88 -16.19
C ASN B 234 -4.75 3.80 -16.91
N LEU B 235 -4.65 2.61 -16.30
CA LEU B 235 -3.96 1.45 -16.91
C LEU B 235 -4.82 0.82 -18.02
N GLN B 236 -6.14 0.81 -17.88
CA GLN B 236 -7.05 0.26 -18.92
C GLN B 236 -7.60 1.41 -19.74
N PRO B 237 -8.18 1.14 -20.94
CA PRO B 237 -9.03 2.10 -21.61
C PRO B 237 -10.17 2.57 -20.70
N THR B 238 -10.74 3.74 -20.99
CA THR B 238 -11.88 4.30 -20.25
C THR B 238 -12.94 4.71 -21.26
N LYS B 239 -14.17 4.86 -20.81
CA LYS B 239 -15.30 5.28 -21.68
C LYS B 239 -14.87 6.45 -22.57
N HIS B 240 -14.10 7.42 -22.07
CA HIS B 240 -13.94 8.75 -22.69
C HIS B 240 -12.53 9.00 -23.25
N ASP B 241 -11.72 7.96 -23.49
CA ASP B 241 -10.34 8.13 -24.01
C ASP B 241 -10.32 9.08 -25.21
N ARG B 242 -11.33 8.94 -26.08
CA ARG B 242 -11.55 9.73 -27.32
C ARG B 242 -11.49 11.23 -27.02
N HIS B 243 -12.02 11.66 -25.88
CA HIS B 243 -12.21 13.10 -25.54
C HIS B 243 -11.00 13.69 -24.79
N ALA B 244 -10.01 12.87 -24.41
CA ALA B 244 -8.83 13.33 -23.63
C ALA B 244 -7.90 14.15 -24.53
N ASP B 245 -7.34 15.23 -23.97
CA ASP B 245 -6.19 15.94 -24.58
C ASP B 245 -4.92 15.14 -24.27
N LEU B 246 -4.95 14.32 -23.22
CA LEU B 246 -3.77 13.55 -22.74
C LEU B 246 -4.24 12.30 -22.01
N ARG B 247 -3.77 11.12 -22.44
CA ARG B 247 -4.00 9.82 -21.77
C ARG B 247 -2.64 9.33 -21.31
N ILE B 248 -2.55 8.98 -20.04
CA ILE B 248 -1.29 8.45 -19.43
C ILE B 248 -1.63 7.07 -18.92
N HIS B 249 -0.98 6.07 -19.51
CA HIS B 249 -1.10 4.64 -19.21
C HIS B 249 0.08 4.30 -18.32
N GLY B 250 -0.13 4.42 -17.00
CA GLY B 250 0.85 4.02 -15.98
C GLY B 250 0.21 3.94 -14.61
N TYR B 251 0.95 3.41 -13.64
CA TYR B 251 0.55 3.39 -12.21
C TYR B 251 0.39 4.83 -11.75
N VAL B 252 -0.76 5.16 -11.16
CA VAL B 252 -1.08 6.56 -10.76
C VAL B 252 -0.06 7.02 -9.70
N ASP B 253 0.41 6.13 -8.85
CA ASP B 253 1.48 6.55 -7.89
C ASP B 253 2.74 7.03 -8.63
N GLU B 254 3.19 6.32 -9.67
CA GLU B 254 4.40 6.70 -10.45
C GLU B 254 4.14 8.07 -11.08
N VAL B 255 2.99 8.20 -11.73
CA VAL B 255 2.58 9.48 -12.37
C VAL B 255 2.57 10.59 -11.33
N MET B 256 1.88 10.44 -10.21
CA MET B 256 1.67 11.55 -9.25
C MET B 256 2.99 11.88 -8.54
N THR B 257 3.85 10.90 -8.26
CA THR B 257 5.17 11.16 -7.61
C THR B 257 6.10 11.94 -8.53
N ARG B 258 6.14 11.60 -9.82
CA ARG B 258 6.90 12.32 -10.87
C ARG B 258 6.29 13.71 -11.03
N LEU B 259 4.96 13.81 -11.02
CA LEU B 259 4.31 15.15 -11.16
C LEU B 259 4.71 16.06 -9.98
N MET B 260 4.52 15.62 -8.74
CA MET B 260 4.89 16.36 -7.50
C MET B 260 6.33 16.86 -7.58
N LYS B 261 7.25 16.01 -8.05
CA LYS B 261 8.68 16.36 -8.26
C LYS B 261 8.79 17.53 -9.25
N HIS B 262 8.20 17.41 -10.44
CA HIS B 262 8.18 18.51 -11.45
C HIS B 262 7.65 19.79 -10.79
N LEU B 263 6.62 19.68 -9.94
CA LEU B 263 5.99 20.87 -9.31
C LEU B 263 6.82 21.38 -8.14
N GLY B 264 7.89 20.66 -7.73
CA GLY B 264 8.72 20.99 -6.57
C GLY B 264 7.99 20.87 -5.24
N LEU B 265 7.03 19.94 -5.12
CA LEU B 265 6.24 19.70 -3.89
C LEU B 265 6.61 18.35 -3.28
N GLU B 266 6.65 18.28 -1.95
CA GLU B 266 6.86 17.03 -1.19
C GLU B 266 5.50 16.34 -1.01
N ILE B 267 5.50 15.02 -0.94
CA ILE B 267 4.28 14.27 -0.54
C ILE B 267 4.27 14.19 0.98
N PRO B 268 3.28 14.81 1.65
CA PRO B 268 3.29 14.89 3.11
C PRO B 268 3.03 13.56 3.79
N ALA B 269 3.54 13.46 5.03
CA ALA B 269 3.33 12.36 5.98
C ALA B 269 1.86 12.27 6.36
N TRP B 270 1.39 11.04 6.54
CA TRP B 270 0.04 10.69 7.03
C TRP B 270 0.13 10.52 8.54
N ASP B 271 -0.56 11.38 9.31
CA ASP B 271 -0.59 11.36 10.79
C ASP B 271 -1.58 10.29 11.30
N GLY B 272 -2.03 9.35 10.46
CA GLY B 272 -3.11 8.41 10.81
C GLY B 272 -4.48 9.05 10.57
N PRO B 273 -5.59 8.35 10.87
CA PRO B 273 -6.92 8.77 10.44
C PRO B 273 -7.29 10.11 11.07
N ARG B 274 -7.50 11.12 10.23
CA ARG B 274 -7.87 12.48 10.68
C ARG B 274 -8.95 13.04 9.78
N VAL B 275 -9.93 13.75 10.35
CA VAL B 275 -11.06 14.33 9.59
C VAL B 275 -10.90 15.84 9.65
N LEU B 276 -10.86 16.49 8.48
CA LEU B 276 -10.81 17.96 8.33
C LEU B 276 -12.09 18.38 7.59
N GLU B 277 -13.01 19.08 8.27
CA GLU B 277 -14.27 19.55 7.64
C GLU B 277 -13.96 20.64 6.61
N ARG B 278 -13.09 21.59 6.93
CA ARG B 278 -12.99 22.87 6.19
C ARG B 278 -11.55 23.11 5.73
N ALA B 279 -11.41 23.42 4.44
CA ALA B 279 -10.13 23.73 3.79
C ALA B 279 -9.48 24.89 4.54
N LEU B 280 -8.21 24.74 4.92
CA LEU B 280 -7.43 25.78 5.62
C LEU B 280 -7.00 26.81 4.58
N PRO B 281 -6.54 28.01 4.98
CA PRO B 281 -5.99 28.96 4.02
C PRO B 281 -4.79 28.34 3.29
N PRO B 282 -4.63 28.61 1.97
CA PRO B 282 -3.57 28.01 1.16
C PRO B 282 -2.11 28.32 1.57
N LEU B 283 -1.25 27.29 1.56
CA LEU B 283 0.18 27.41 1.93
C LEU B 283 0.98 27.99 0.78
N PRO B 284 2.24 28.40 1.01
CA PRO B 284 3.09 28.91 -0.06
C PRO B 284 3.38 27.81 -1.08
N ARG B 285 3.60 28.17 -2.35
CA ARG B 285 3.97 27.18 -3.39
C ARG B 285 5.16 27.70 -4.18
N PRO B 286 5.93 26.81 -4.85
CA PRO B 286 7.08 27.28 -5.61
C PRO B 286 6.62 28.22 -6.71
N PRO B 287 7.48 29.14 -7.19
CA PRO B 287 7.14 29.98 -8.33
C PRO B 287 7.02 29.15 -9.62
N THR B 288 6.25 29.63 -10.61
CA THR B 288 5.91 28.89 -11.86
C THR B 288 7.06 28.99 -12.87
N PRO B 289 7.38 27.91 -13.61
CA PRO B 289 8.29 28.00 -14.75
C PRO B 289 7.78 28.94 -15.84
N LYS B 290 8.70 29.46 -16.64
CA LYS B 290 8.40 30.04 -17.97
C LYS B 290 8.10 28.87 -18.90
N LEU B 291 6.99 28.93 -19.64
CA LEU B 291 6.47 27.74 -20.37
C LEU B 291 6.73 27.86 -21.88
N GLU B 292 5.99 28.73 -22.59
CA GLU B 292 6.10 28.90 -24.06
C GLU B 292 7.39 29.65 -24.37
N1 AR6 C . -1.35 -10.20 6.35
C2 AR6 C . -0.99 -11.42 6.78
N3 AR6 C . -0.63 -12.48 6.05
C4 AR6 C . -0.61 -12.21 4.73
C5 AR6 C . -0.94 -11.01 4.15
C6 AR6 C . -1.32 -9.95 5.01
N6 AR6 C . -1.64 -8.73 4.59
N7 AR6 C . -0.78 -11.11 2.78
C8 AR6 C . -0.36 -12.33 2.54
N9 AR6 C . -0.26 -13.07 3.71
PA AR6 C . 4.31 -17.10 0.55
PB AR6 C . 7.06 -16.48 1.30
C1' AR6 C . 0.23 -14.42 3.90
O1A AR6 C . 4.64 -18.55 0.47
O1B AR6 C . 7.76 -15.18 1.56
C1D AR6 C . 9.09 -18.02 -3.10
O1D AR6 C . 9.39 -18.97 -4.09
C2' AR6 C . -0.26 -15.52 2.97
O2' AR6 C . -1.39 -16.12 3.51
O2A AR6 C . 3.39 -16.49 -0.48
O2B AR6 C . 6.76 -17.36 2.45
C2D AR6 C . 10.12 -16.87 -3.06
O2D AR6 C . 11.38 -17.34 -3.48
C3' AR6 C . 0.91 -16.52 2.94
O3' AR6 C . 0.53 -17.62 3.73
O3A AR6 C . 5.66 -16.19 0.53
C3D AR6 C . 10.04 -16.37 -1.62
O3D AR6 C . 11.09 -15.52 -1.13
C4' AR6 C . 2.12 -15.70 3.38
O4' AR6 C . 1.62 -14.38 3.71
C4D AR6 C . 9.87 -17.73 -0.91
O4D AR6 C . 9.16 -18.59 -1.84
C5' AR6 C . 3.16 -15.51 2.31
O5' AR6 C . 3.73 -16.80 1.97
C5D AR6 C . 9.13 -17.72 0.39
O5D AR6 C . 7.77 -17.25 0.14
ZN ZN D . 34.78 -5.09 -7.51
C1 EDO E . -5.30 -11.54 -15.34
O1 EDO E . -4.09 -11.02 -15.86
C2 EDO E . -5.33 -13.00 -15.31
O2 EDO E . -5.74 -13.60 -14.10
C1 PEG F . -11.90 -7.93 5.32
O1 PEG F . -11.32 -9.22 5.19
C2 PEG F . -11.42 -6.99 4.25
O2 PEG F . -12.47 -6.09 3.88
C3 PEG F . -13.36 -6.64 2.92
C4 PEG F . -14.75 -6.12 3.14
O4 PEG F . -15.62 -6.45 2.07
S SO4 G . -4.88 -9.07 -6.54
O1 SO4 G . -3.96 -9.50 -5.51
O2 SO4 G . -5.53 -10.21 -7.11
O3 SO4 G . -5.88 -8.19 -5.99
O4 SO4 G . -4.16 -8.37 -7.58
S SO4 H . -5.27 -21.01 16.82
O1 SO4 H . -3.91 -21.26 16.42
O2 SO4 H . -6.02 -22.21 16.71
O3 SO4 H . -5.84 -20.00 15.95
O4 SO4 H . -5.29 -20.52 18.17
S SO4 I . 4.35 8.42 5.48
O1 SO4 I . 4.81 9.27 6.55
O2 SO4 I . 4.73 7.05 5.73
O3 SO4 I . 4.94 8.85 4.25
O4 SO4 I . 2.91 8.52 5.39
S SO4 J . 17.72 -26.77 6.84
O1 SO4 J . 17.59 -28.20 6.98
O2 SO4 J . 19.07 -26.38 7.07
O3 SO4 J . 17.34 -26.40 5.50
O4 SO4 J . 16.85 -26.12 7.79
S SO4 K . 19.97 -3.32 -15.97
O1 SO4 K . 20.07 -3.50 -14.53
O2 SO4 K . 20.51 -4.50 -16.63
O3 SO4 K . 20.75 -2.17 -16.36
O4 SO4 K . 18.61 -3.11 -16.36
S01 V7R L . 9.35 -11.59 -9.30
O02 V7R L . 12.83 -16.02 -5.44
O03 V7R L . 8.42 -11.54 -10.43
O04 V7R L . 10.41 -10.62 -9.58
N05 V7R L . 9.95 -13.20 -9.34
N06 V7R L . 6.34 -10.66 -4.24
C07 V7R L . 10.47 -13.86 -8.15
C08 V7R L . 11.85 -13.32 -7.86
C09 V7R L . 10.60 -15.38 -8.42
C10 V7R L . 12.42 -13.96 -6.60
C11 V7R L . 11.32 -16.15 -7.31
C12 V7R L . 12.57 -15.49 -6.74
C13 V7R L . 8.44 -11.32 -7.77
C14 V7R L . 7.09 -11.67 -7.72
C15 V7R L . 9.08 -10.72 -6.73
C16 V7R L . 6.37 -11.46 -6.55
C17 V7R L . 8.36 -10.52 -5.58
C18 V7R L . 7.02 -10.89 -5.47
C1 PEG M . 7.50 -7.91 -12.20
O1 PEG M . 8.59 -8.46 -12.88
C2 PEG M . 6.66 -7.03 -13.09
O2 PEG M . 6.37 -5.81 -12.41
C3 PEG M . 5.06 -5.31 -12.67
C4 PEG M . 5.14 -3.85 -13.03
O4 PEG M . 4.48 -3.55 -14.26
N1 AR6 N . -2.84 2.95 -11.41
C2 AR6 N . -3.61 3.31 -12.45
N3 AR6 N . -4.78 2.80 -12.85
C4 AR6 N . -5.16 1.79 -12.03
C5 AR6 N . -4.47 1.31 -10.94
C6 AR6 N . -3.24 1.92 -10.61
N6 AR6 N . -2.47 1.58 -9.58
N7 AR6 N . -5.17 0.26 -10.35
C8 AR6 N . -6.28 0.15 -11.07
N9 AR6 N . -6.31 1.05 -12.13
PA AR6 N . -13.17 0.73 -12.07
PB AR6 N . -14.37 3.02 -10.86
C1' AR6 N . -7.35 1.30 -13.08
O1A AR6 N . -14.28 0.74 -13.07
O1B AR6 N . -14.04 3.86 -9.67
C1D AR6 N . -18.56 0.49 -9.20
O1D AR6 N . -19.75 -0.16 -9.41
C2' AR6 N . -7.98 0.10 -13.80
O2' AR6 N . -7.34 -0.09 -15.04
O2A AR6 N . -12.63 -0.58 -11.57
O2B AR6 N . -14.13 3.56 -12.23
C2D AR6 N . -18.61 1.29 -7.91
O2D AR6 N . -19.87 1.87 -7.66
C3' AR6 N . -9.45 0.55 -13.98
O3' AR6 N . -9.60 0.92 -15.34
O3A AR6 N . -13.60 1.61 -10.78
C3D AR6 N . -17.55 2.36 -8.19
O3D AR6 N . -17.61 3.44 -7.27
C4' AR6 N . -9.63 1.74 -13.03
O4' AR6 N . -8.37 1.90 -12.35
C4D AR6 N . -17.94 2.71 -9.63
O4D AR6 N . -18.32 1.44 -10.22
C5' AR6 N . -10.70 1.59 -11.98
O5' AR6 N . -11.99 1.60 -12.64
C5D AR6 N . -16.92 3.37 -10.49
O5D AR6 N . -15.83 2.44 -10.73
ZN ZN O . -30.57 14.01 13.63
S SO4 P . -2.31 7.70 -26.31
O1 SO4 P . -1.28 6.86 -26.89
O2 SO4 P . -1.74 8.52 -25.28
O3 SO4 P . -3.35 6.88 -25.77
O4 SO4 P . -2.86 8.55 -27.32
S SO4 Q . -25.65 11.97 -17.02
O1 SO4 Q . -24.26 11.68 -17.27
O2 SO4 Q . -26.25 10.85 -16.36
O3 SO4 Q . -25.76 13.14 -16.20
O4 SO4 Q . -26.32 12.21 -18.28
S SO4 R . -22.52 -1.12 12.87
O1 SO4 R . -21.55 -1.19 13.91
O2 SO4 R . -22.51 -2.35 12.14
O3 SO4 R . -23.84 -0.93 13.44
O4 SO4 R . -22.22 -0.01 11.98
S01 V7R S . -17.42 -3.56 -1.43
O02 V7R S . -20.74 1.17 -4.79
O03 V7R S . -17.00 -4.92 -1.15
O04 V7R S . -17.80 -3.06 -0.11
N05 V7R S . -18.79 -3.46 -2.46
N06 V7R S . -12.78 -0.87 -4.11
C07 V7R S . -19.11 -2.20 -3.06
C08 V7R S . -19.81 -1.26 -2.08
C09 V7R S . -20.02 -2.42 -4.26
C10 V7R S . -19.94 0.09 -2.79
C11 V7R S . -20.16 -1.10 -5.00
C12 V7R S . -20.75 -0.04 -4.09
C13 V7R S . -16.03 -2.70 -2.18
C14 V7R S . -15.24 -3.43 -3.05
C15 V7R S . -15.78 -1.36 -1.91
C16 V7R S . -14.17 -2.81 -3.68
C17 V7R S . -14.69 -0.76 -2.54
C18 V7R S . -13.89 -1.48 -3.43
CL CL T . -23.14 3.49 -8.35
CL CL U . -10.11 -16.80 -5.20
#